data_8P1O
#
_entry.id   8P1O
#
_cell.length_a   52.088
_cell.length_b   109.991
_cell.length_c   51.823
_cell.angle_alpha   90.000
_cell.angle_beta   90.000
_cell.angle_gamma   90.000
#
_symmetry.space_group_name_H-M   'P 21 21 2'
#
loop_
_entity.id
_entity.type
_entity.pdbx_description
1 polymer 'Programmed cell death 1 ligand 1'
2 non-polymer (3~{R})-1-[[4-[2-chloranyl-3-(2,3-dihydro-1,4-benzodioxin-6-yl)phenyl]-2-methoxy-phenyl]methyl]-~{N}-(2-hydroxyethyl)pyrrolidine-3-carboxamide
3 non-polymer 'CHLORIDE ION'
4 non-polymer 'SULFATE ION'
5 water water
#
_entity_poly.entity_id   1
_entity_poly.type   'polypeptide(L)'
_entity_poly.pdbx_seq_one_letter_code
;RIFAVFIFMTYWHLLNAFTVTVPKDLYVVEYGSNMTIECKFPVEKQLDLAALIVYWEMEDKNIIQFVHGEEDLKVQHSSY
RQRARLLKDQLSLGNAALQITDVKLQDAGVYRCMISYGGADYKRITVKVNAPYAAALEHHHHHH
;
_entity_poly.pdbx_strand_id   A,B
#
# COMPACT_ATOMS: atom_id res chain seq x y z
N ALA A 17 15.05 11.20 -6.45
CA ALA A 17 14.15 10.05 -6.58
C ALA A 17 13.88 9.43 -5.20
N PHE A 18 12.76 9.83 -4.59
CA PHE A 18 12.42 9.41 -3.24
C PHE A 18 12.23 7.89 -3.16
N THR A 19 12.97 7.25 -2.25
CA THR A 19 12.93 5.81 -2.08
C THR A 19 13.00 5.42 -0.61
N VAL A 20 12.02 4.59 -0.20
CA VAL A 20 12.09 3.89 1.07
C VAL A 20 12.94 2.63 0.83
N THR A 21 13.79 2.30 1.81
CA THR A 21 14.62 1.11 1.74
C THR A 21 14.47 0.31 3.03
N VAL A 22 14.68 -1.00 2.92
CA VAL A 22 14.62 -1.90 4.06
C VAL A 22 15.94 -2.65 4.19
N PRO A 23 16.64 -2.57 5.34
CA PRO A 23 17.85 -3.37 5.57
C PRO A 23 17.56 -4.87 5.46
N LYS A 24 16.44 -5.29 6.05
CA LYS A 24 15.98 -6.67 6.01
C LYS A 24 14.54 -6.73 5.50
N ASP A 25 14.30 -7.56 4.47
CA ASP A 25 12.95 -7.80 3.98
C ASP A 25 12.33 -9.04 4.62
N LEU A 26 13.12 -9.75 5.44
CA LEU A 26 12.64 -10.92 6.16
C LEU A 26 13.06 -10.86 7.62
N TYR A 27 12.11 -11.20 8.52
CA TYR A 27 12.37 -11.31 9.94
C TYR A 27 11.83 -12.63 10.47
N VAL A 28 12.68 -13.39 11.15
CA VAL A 28 12.26 -14.60 11.83
C VAL A 28 12.37 -14.34 13.32
N VAL A 29 11.22 -14.35 14.00
CA VAL A 29 11.16 -13.96 15.39
C VAL A 29 10.44 -15.06 16.17
N GLU A 30 10.75 -15.13 17.47
CA GLU A 30 10.18 -16.12 18.35
C GLU A 30 8.89 -15.58 18.96
N TYR A 31 7.86 -16.43 19.00
CA TYR A 31 6.66 -16.16 19.76
C TYR A 31 7.04 -15.68 21.16
N GLY A 32 6.43 -14.59 21.60
CA GLY A 32 6.67 -14.04 22.92
C GLY A 32 7.76 -12.96 23.00
N SER A 33 8.58 -12.85 21.95
CA SER A 33 9.64 -11.85 21.91
C SER A 33 9.13 -10.51 21.38
N ASN A 34 10.01 -9.51 21.42
CA ASN A 34 9.77 -8.23 20.77
C ASN A 34 10.52 -8.21 19.45
N MET A 35 9.95 -7.54 18.44
CA MET A 35 10.66 -7.32 17.19
C MET A 35 10.63 -5.85 16.83
N THR A 36 11.70 -5.40 16.15
CA THR A 36 11.74 -4.07 15.56
C THR A 36 11.92 -4.25 14.05
N ILE A 37 10.90 -3.82 13.30
CA ILE A 37 10.96 -3.78 11.85
C ILE A 37 11.39 -2.36 11.46
N GLU A 38 12.33 -2.25 10.51
CA GLU A 38 12.92 -0.97 10.14
C GLU A 38 12.70 -0.63 8.67
N CYS A 39 12.45 0.66 8.41
CA CYS A 39 12.52 1.22 7.06
C CYS A 39 13.30 2.53 7.10
N LYS A 40 14.12 2.77 6.07
CA LYS A 40 14.84 4.02 5.93
C LYS A 40 14.16 4.89 4.88
N PHE A 41 14.20 6.20 5.10
CA PHE A 41 13.84 7.17 4.07
C PHE A 41 14.86 8.30 4.13
N PRO A 42 15.16 8.97 3.00
CA PRO A 42 16.16 10.03 2.96
C PRO A 42 15.74 11.27 3.76
N VAL A 43 16.53 11.60 4.79
CA VAL A 43 16.41 12.87 5.50
C VAL A 43 17.66 13.68 5.21
N GLU A 44 17.47 14.86 4.62
CA GLU A 44 18.57 15.73 4.22
C GLU A 44 18.82 16.75 5.34
N LYS A 45 19.72 16.38 6.26
CA LYS A 45 20.21 17.25 7.32
C LYS A 45 19.19 17.47 8.44
N GLN A 46 18.01 18.01 8.10
CA GLN A 46 17.01 18.38 9.09
C GLN A 46 15.65 17.76 8.75
N LEU A 47 14.97 17.21 9.76
CA LEU A 47 13.67 16.59 9.57
C LEU A 47 12.58 17.65 9.50
N ASP A 48 11.74 17.57 8.44
CA ASP A 48 10.54 18.40 8.33
C ASP A 48 9.35 17.58 8.80
N LEU A 49 9.09 17.63 10.11
CA LEU A 49 8.12 16.74 10.74
C LEU A 49 6.69 16.98 10.27
N ALA A 50 6.38 18.21 9.83
CA ALA A 50 5.07 18.55 9.34
C ALA A 50 4.68 17.75 8.09
N ALA A 51 5.63 17.62 7.15
CA ALA A 51 5.40 16.94 5.88
C ALA A 51 5.42 15.42 6.00
N LEU A 52 6.04 14.89 7.06
CA LEU A 52 6.26 13.46 7.20
C LEU A 52 4.97 12.71 7.52
N ILE A 53 4.69 11.67 6.72
CA ILE A 53 3.64 10.70 7.02
C ILE A 53 4.27 9.32 7.01
N VAL A 54 4.17 8.62 8.15
CA VAL A 54 4.61 7.24 8.26
C VAL A 54 3.38 6.39 8.52
N TYR A 55 3.28 5.27 7.78
CA TYR A 55 2.15 4.38 7.93
C TYR A 55 2.62 2.92 7.82
N TRP A 56 2.34 2.16 8.88
CA TRP A 56 2.64 0.74 8.92
C TRP A 56 1.33 -0.04 8.87
N GLU A 57 1.32 -1.11 8.07
CA GLU A 57 0.22 -2.05 8.06
C GLU A 57 0.75 -3.46 7.83
N MET A 58 -0.04 -4.45 8.26
CA MET A 58 0.22 -5.85 7.95
C MET A 58 -1.07 -6.36 7.33
N GLU A 59 -0.99 -6.96 6.14
CA GLU A 59 -2.19 -7.47 5.47
C GLU A 59 -3.44 -6.61 5.69
N ASP A 60 -3.33 -5.32 5.38
CA ASP A 60 -4.42 -4.36 5.44
C ASP A 60 -4.91 -3.98 6.84
N LYS A 61 -4.17 -4.41 7.87
CA LYS A 61 -4.43 -3.98 9.23
C LYS A 61 -3.56 -2.79 9.58
N ASN A 62 -4.19 -1.70 10.01
CA ASN A 62 -3.48 -0.48 10.38
C ASN A 62 -2.73 -0.69 11.70
N ILE A 63 -1.41 -0.48 11.67
CA ILE A 63 -0.58 -0.58 12.85
C ILE A 63 -0.25 0.81 13.39
N ILE A 64 0.36 1.64 12.54
CA ILE A 64 0.75 2.99 12.90
C ILE A 64 0.26 3.96 11.82
N GLN A 65 -0.14 5.15 12.26
CA GLN A 65 -0.46 6.24 11.34
C GLN A 65 0.09 7.53 11.95
N PHE A 66 1.32 7.87 11.59
CA PHE A 66 2.01 9.05 12.08
C PHE A 66 1.88 10.18 11.07
N VAL A 67 1.25 11.28 11.50
CA VAL A 67 0.97 12.41 10.64
C VAL A 67 0.89 13.68 11.49
N HIS A 68 1.42 14.78 10.97
CA HIS A 68 1.53 16.03 11.70
C HIS A 68 2.23 15.78 13.04
N GLY A 69 3.32 15.02 12.99
CA GLY A 69 4.15 14.75 14.17
C GLY A 69 3.43 14.08 15.34
N GLU A 70 2.43 13.24 15.04
CA GLU A 70 1.65 12.57 16.07
C GLU A 70 0.98 11.31 15.54
N GLU A 71 0.96 10.25 16.37
CA GLU A 71 0.30 9.00 16.02
C GLU A 71 -1.20 9.15 16.15
N ASP A 72 -1.95 8.32 15.40
CA ASP A 72 -3.40 8.29 15.45
C ASP A 72 -3.88 6.88 15.78
N LEU A 73 -4.14 6.63 17.07
CA LEU A 73 -4.54 5.32 17.55
C LEU A 73 -6.01 4.99 17.30
N LYS A 74 -6.78 5.98 16.81
CA LYS A 74 -8.20 5.79 16.53
C LYS A 74 -8.42 4.78 15.41
N VAL A 75 -7.52 4.80 14.42
CA VAL A 75 -7.63 3.95 13.24
C VAL A 75 -6.84 2.65 13.38
N GLN A 76 -6.12 2.50 14.50
CA GLN A 76 -5.25 1.35 14.71
C GLN A 76 -6.06 0.08 14.96
N HIS A 77 -5.64 -1.01 14.31
CA HIS A 77 -6.29 -2.31 14.43
C HIS A 77 -6.11 -2.83 15.85
N SER A 78 -7.16 -3.48 16.37
CA SER A 78 -7.22 -3.87 17.77
C SER A 78 -6.14 -4.84 18.22
N SER A 79 -5.71 -5.72 17.32
CA SER A 79 -4.68 -6.71 17.64
C SER A 79 -3.32 -6.06 17.93
N TYR A 80 -3.12 -4.83 17.45
CA TYR A 80 -1.87 -4.09 17.66
C TYR A 80 -2.02 -2.99 18.71
N ARG A 81 -3.02 -3.12 19.59
CA ARG A 81 -3.30 -2.11 20.59
C ARG A 81 -2.43 -2.34 21.82
N GLN A 82 -1.74 -1.28 22.26
CA GLN A 82 -0.86 -1.29 23.42
C GLN A 82 0.44 -2.06 23.20
N ARG A 83 0.65 -2.61 22.00
CA ARG A 83 1.82 -3.42 21.71
C ARG A 83 2.46 -3.11 20.36
N ALA A 84 2.23 -1.88 19.87
CA ALA A 84 2.81 -1.42 18.62
C ALA A 84 3.16 0.06 18.75
N ARG A 85 4.40 0.41 18.41
CA ARG A 85 4.90 1.75 18.64
C ARG A 85 5.96 2.13 17.60
N LEU A 86 5.90 3.40 17.17
CA LEU A 86 6.89 3.95 16.26
C LEU A 86 8.00 4.60 17.08
N LEU A 87 9.26 4.26 16.76
CA LEU A 87 10.41 4.82 17.43
C LEU A 87 10.71 6.20 16.87
N LYS A 88 10.29 7.25 17.59
CA LYS A 88 10.32 8.61 17.10
C LYS A 88 11.71 9.22 17.18
N ASP A 89 12.58 8.66 18.04
CA ASP A 89 13.97 9.07 18.15
C ASP A 89 14.70 8.90 16.82
N GLN A 90 14.42 7.81 16.12
CA GLN A 90 15.12 7.44 14.91
C GLN A 90 14.62 8.16 13.66
N LEU A 91 13.43 8.78 13.75
CA LEU A 91 12.83 9.49 12.63
C LEU A 91 13.71 10.60 12.07
N SER A 92 14.44 11.29 12.96
CA SER A 92 15.36 12.32 12.54
C SER A 92 16.51 11.76 11.69
N LEU A 93 16.91 10.52 12.00
CA LEU A 93 17.93 9.82 11.22
C LEU A 93 17.35 9.13 9.99
N GLY A 94 16.09 9.42 9.67
CA GLY A 94 15.41 8.84 8.52
C GLY A 94 15.09 7.36 8.68
N ASN A 95 14.79 6.94 9.92
CA ASN A 95 14.49 5.56 10.22
C ASN A 95 13.13 5.45 10.89
N ALA A 96 12.15 4.93 10.14
CA ALA A 96 10.82 4.67 10.66
C ALA A 96 10.76 3.25 11.23
N ALA A 97 11.20 3.10 12.48
CA ALA A 97 11.28 1.80 13.12
C ALA A 97 9.97 1.46 13.84
N LEU A 98 9.37 0.31 13.48
CA LEU A 98 8.18 -0.18 14.15
C LEU A 98 8.56 -1.30 15.14
N GLN A 99 8.28 -1.04 16.42
CA GLN A 99 8.45 -2.06 17.46
C GLN A 99 7.11 -2.73 17.76
N ILE A 100 7.08 -4.06 17.68
CA ILE A 100 5.95 -4.85 18.14
C ILE A 100 6.41 -5.67 19.34
N THR A 101 5.69 -5.55 20.46
CA THR A 101 6.00 -6.28 21.68
C THR A 101 5.09 -7.50 21.82
N ASP A 102 5.63 -8.56 22.44
CA ASP A 102 4.90 -9.80 22.69
C ASP A 102 4.37 -10.39 21.39
N VAL A 103 5.28 -10.79 20.51
CA VAL A 103 4.92 -11.29 19.20
C VAL A 103 4.06 -12.55 19.30
N LYS A 104 2.96 -12.57 18.53
CA LYS A 104 2.08 -13.71 18.43
C LYS A 104 2.18 -14.30 17.02
N LEU A 105 1.58 -15.47 16.82
CA LEU A 105 1.55 -16.10 15.52
C LEU A 105 0.75 -15.28 14.51
N GLN A 106 -0.26 -14.55 15.00
CA GLN A 106 -1.04 -13.65 14.16
C GLN A 106 -0.21 -12.52 13.55
N ASP A 107 0.96 -12.24 14.13
CA ASP A 107 1.83 -11.19 13.63
C ASP A 107 2.65 -11.61 12.41
N ALA A 108 2.70 -12.93 12.14
CA ALA A 108 3.37 -13.43 10.95
C ALA A 108 2.61 -12.97 9.71
N GLY A 109 3.33 -12.36 8.76
CA GLY A 109 2.72 -11.84 7.54
C GLY A 109 3.60 -10.83 6.83
N VAL A 110 3.01 -10.20 5.80
CA VAL A 110 3.69 -9.19 5.01
C VAL A 110 3.34 -7.81 5.56
N TYR A 111 4.36 -7.08 6.03
CA TYR A 111 4.17 -5.73 6.52
C TYR A 111 4.50 -4.73 5.40
N ARG A 112 3.90 -3.55 5.49
CA ARG A 112 4.16 -2.45 4.58
C ARG A 112 4.41 -1.21 5.41
N CYS A 113 5.57 -0.57 5.19
CA CYS A 113 5.81 0.77 5.70
C CYS A 113 5.67 1.73 4.54
N MET A 114 4.60 2.53 4.58
CA MET A 114 4.33 3.55 3.58
C MET A 114 4.77 4.90 4.17
N ILE A 115 5.67 5.60 3.48
CA ILE A 115 6.17 6.88 3.94
C ILE A 115 5.99 7.97 2.89
N SER A 116 5.49 9.12 3.33
CA SER A 116 5.42 10.32 2.50
C SER A 116 6.26 11.42 3.15
N TYR A 117 7.20 11.97 2.37
CA TYR A 117 8.15 12.95 2.87
C TYR A 117 8.69 13.70 1.65
N GLY A 118 7.90 14.64 1.14
CA GLY A 118 8.12 15.20 -0.19
C GLY A 118 7.59 14.22 -1.24
N GLY A 119 8.43 13.23 -1.58
CA GLY A 119 8.01 12.11 -2.41
C GLY A 119 7.21 11.11 -1.57
N ALA A 120 6.97 9.93 -2.15
CA ALA A 120 6.29 8.85 -1.46
C ALA A 120 6.73 7.50 -2.02
N ASP A 121 6.80 6.49 -1.13
CA ASP A 121 7.16 5.14 -1.50
C ASP A 121 6.72 4.22 -0.37
N TYR A 122 6.83 2.91 -0.61
CA TYR A 122 6.66 1.93 0.45
C TYR A 122 7.53 0.70 0.17
N LYS A 123 7.72 -0.12 1.21
CA LYS A 123 8.42 -1.38 1.10
C LYS A 123 7.65 -2.48 1.83
N ARG A 124 7.78 -3.72 1.34
CA ARG A 124 7.21 -4.89 1.98
C ARG A 124 8.26 -5.55 2.87
N ILE A 125 7.80 -6.09 4.01
CA ILE A 125 8.66 -6.84 4.91
C ILE A 125 7.90 -8.08 5.37
N THR A 126 8.50 -9.25 5.15
CA THR A 126 7.92 -10.51 5.55
C THR A 126 8.38 -10.86 6.97
N VAL A 127 7.43 -11.26 7.82
CA VAL A 127 7.74 -11.67 9.17
C VAL A 127 7.25 -13.10 9.39
N LYS A 128 8.18 -13.98 9.80
CA LYS A 128 7.85 -15.35 10.17
C LYS A 128 7.97 -15.48 11.69
N VAL A 129 7.04 -16.22 12.29
CA VAL A 129 7.02 -16.41 13.73
C VAL A 129 7.18 -17.89 14.08
N ASN A 130 8.28 -18.23 14.76
CA ASN A 130 8.47 -19.55 15.33
C ASN A 130 7.76 -19.63 16.69
N ALA A 131 6.94 -20.67 16.87
CA ALA A 131 6.20 -20.86 18.11
C ALA A 131 6.25 -22.33 18.56
N PRO A 132 6.39 -22.60 19.88
CA PRO A 132 6.27 -23.98 20.38
C PRO A 132 4.87 -24.56 20.17
N TYR A 133 4.75 -25.87 20.39
CA TYR A 133 3.50 -26.59 20.21
C TYR A 133 2.32 -25.88 20.87
N ALA A 134 2.48 -25.56 22.16
CA ALA A 134 1.40 -25.00 22.96
C ALA A 134 0.78 -23.76 22.30
N ALA A 135 1.64 -22.81 21.93
CA ALA A 135 1.20 -21.58 21.28
C ALA A 135 0.54 -21.88 19.94
N ALA A 136 1.12 -22.80 19.17
CA ALA A 136 0.58 -23.19 17.88
C ALA A 136 -0.78 -23.89 18.01
N LEU A 137 -0.89 -24.79 18.98
CA LEU A 137 -2.14 -25.50 19.25
C LEU A 137 -3.30 -24.53 19.49
N GLU A 138 -3.04 -23.50 20.30
CA GLU A 138 -4.04 -22.50 20.62
C GLU A 138 -4.43 -21.68 19.39
N HIS A 139 -3.43 -21.32 18.57
CA HIS A 139 -3.65 -20.59 17.34
C HIS A 139 -4.39 -21.46 16.32
N HIS A 140 -4.05 -22.76 16.29
CA HIS A 140 -4.67 -23.72 15.40
C HIS A 140 -6.18 -23.77 15.65
N HIS A 141 -6.56 -23.87 16.93
CA HIS A 141 -7.96 -23.84 17.33
C HIS A 141 -8.37 -22.40 17.65
N HIS A 142 -8.57 -21.59 16.60
CA HIS A 142 -8.86 -20.17 16.74
C HIS A 142 -9.93 -19.94 17.81
N ALA B 17 -8.64 16.42 6.76
CA ALA B 17 -8.26 15.01 6.89
C ALA B 17 -8.31 14.33 5.52
N PHE B 18 -7.14 14.22 4.89
CA PHE B 18 -7.03 13.70 3.53
C PHE B 18 -7.51 12.25 3.44
N THR B 19 -8.46 12.02 2.53
CA THR B 19 -9.05 10.70 2.33
C THR B 19 -9.28 10.40 0.86
N VAL B 20 -8.76 9.24 0.43
CA VAL B 20 -9.14 8.65 -0.85
C VAL B 20 -10.44 7.89 -0.62
N THR B 21 -11.35 7.98 -1.60
CA THR B 21 -12.62 7.26 -1.53
C THR B 21 -12.84 6.50 -2.84
N VAL B 22 -13.59 5.40 -2.77
CA VAL B 22 -13.90 4.60 -3.95
C VAL B 22 -15.41 4.48 -4.11
N PRO B 23 -16.00 4.91 -5.25
CA PRO B 23 -17.43 4.74 -5.49
C PRO B 23 -17.85 3.28 -5.47
N LYS B 24 -17.02 2.43 -6.09
CA LYS B 24 -17.19 0.98 -6.07
C LYS B 24 -15.92 0.31 -5.57
N ASP B 25 -16.06 -0.55 -4.55
CA ASP B 25 -14.95 -1.36 -4.07
C ASP B 25 -14.93 -2.74 -4.71
N LEU B 26 -15.95 -3.04 -5.53
CA LEU B 26 -16.03 -4.28 -6.27
C LEU B 26 -16.37 -4.02 -7.74
N TYR B 27 -15.65 -4.69 -8.64
CA TYR B 27 -15.95 -4.67 -10.06
C TYR B 27 -16.05 -6.09 -10.60
N VAL B 28 -17.16 -6.38 -11.29
CA VAL B 28 -17.31 -7.63 -12.01
C VAL B 28 -17.28 -7.30 -13.49
N VAL B 29 -16.24 -7.78 -14.18
CA VAL B 29 -16.01 -7.41 -15.57
C VAL B 29 -15.84 -8.67 -16.39
N GLU B 30 -16.15 -8.58 -17.68
CA GLU B 30 -16.05 -9.70 -18.59
C GLU B 30 -14.65 -9.74 -19.21
N TYR B 31 -14.09 -10.96 -19.28
CA TYR B 31 -12.89 -11.22 -20.05
C TYR B 31 -13.03 -10.57 -21.43
N GLY B 32 -12.00 -9.84 -21.85
CA GLY B 32 -11.98 -9.22 -23.16
C GLY B 32 -12.48 -7.78 -23.19
N SER B 33 -13.18 -7.35 -22.13
CA SER B 33 -13.71 -5.99 -22.07
C SER B 33 -12.67 -5.01 -21.52
N ASN B 34 -13.04 -3.73 -21.55
CA ASN B 34 -12.28 -2.68 -20.88
C ASN B 34 -12.96 -2.39 -19.55
N MET B 35 -12.15 -2.07 -18.53
CA MET B 35 -12.69 -1.60 -17.27
C MET B 35 -12.02 -0.30 -16.89
N THR B 36 -12.78 0.55 -16.19
CA THR B 36 -12.25 1.74 -15.55
C THR B 36 -12.47 1.59 -14.05
N ILE B 37 -11.37 1.50 -13.31
CA ILE B 37 -11.39 1.52 -11.86
C ILE B 37 -11.18 2.97 -11.44
N GLU B 38 -11.98 3.44 -10.48
CA GLU B 38 -11.94 4.84 -10.07
C GLU B 38 -11.62 4.96 -8.58
N CYS B 39 -10.85 5.99 -8.24
CA CYS B 39 -10.87 6.51 -6.87
C CYS B 39 -10.82 8.03 -6.87
N LYS B 40 -11.45 8.60 -5.85
CA LYS B 40 -11.56 10.04 -5.69
C LYS B 40 -10.57 10.51 -4.64
N PHE B 41 -10.04 11.71 -4.84
CA PHE B 41 -9.30 12.42 -3.82
C PHE B 41 -9.77 13.88 -3.84
N PRO B 42 -9.74 14.59 -2.70
CA PRO B 42 -10.23 15.98 -2.65
C PRO B 42 -9.37 16.94 -3.45
N VAL B 43 -9.98 17.56 -4.47
CA VAL B 43 -9.38 18.69 -5.17
C VAL B 43 -10.26 19.90 -4.88
N GLU B 44 -9.65 20.93 -4.27
CA GLU B 44 -10.34 22.17 -3.99
C GLU B 44 -10.14 23.16 -5.13
N LYS B 45 -11.05 23.10 -6.12
CA LYS B 45 -11.14 24.04 -7.22
C LYS B 45 -10.03 23.84 -8.27
N GLN B 46 -8.77 23.97 -7.85
CA GLN B 46 -7.64 23.91 -8.76
C GLN B 46 -6.66 22.82 -8.36
N LEU B 47 -6.23 22.03 -9.35
CA LEU B 47 -5.30 20.93 -9.13
C LEU B 47 -3.87 21.45 -9.04
N ASP B 48 -3.14 21.02 -8.00
CA ASP B 48 -1.72 21.27 -7.86
C ASP B 48 -0.95 20.06 -8.37
N LEU B 49 -0.69 20.04 -9.68
CA LEU B 49 -0.17 18.88 -10.36
C LEU B 49 1.24 18.46 -9.90
N ALA B 50 2.02 19.45 -9.43
CA ALA B 50 3.36 19.20 -8.93
C ALA B 50 3.38 18.28 -7.71
N ALA B 51 2.45 18.51 -6.77
CA ALA B 51 2.38 17.76 -5.53
C ALA B 51 1.74 16.39 -5.69
N LEU B 52 0.95 16.20 -6.75
CA LEU B 52 0.16 14.99 -6.92
C LEU B 52 1.00 13.77 -7.27
N ILE B 53 0.83 12.69 -6.49
CA ILE B 53 1.38 11.39 -6.81
C ILE B 53 0.23 10.39 -6.82
N VAL B 54 0.01 9.75 -7.98
CA VAL B 54 -0.97 8.69 -8.09
C VAL B 54 -0.21 7.40 -8.38
N TYR B 55 -0.58 6.33 -7.67
CA TYR B 55 0.06 5.04 -7.84
C TYR B 55 -0.98 3.93 -7.74
N TRP B 56 -1.06 3.13 -8.82
CA TRP B 56 -1.94 1.99 -8.88
C TRP B 56 -1.10 0.72 -8.85
N GLU B 57 -1.55 -0.26 -8.07
CA GLU B 57 -0.95 -1.60 -8.09
C GLU B 57 -2.03 -2.66 -7.88
N MET B 58 -1.74 -3.88 -8.35
CA MET B 58 -2.57 -5.03 -8.07
C MET B 58 -1.63 -6.07 -7.47
N GLU B 59 -2.06 -6.62 -6.32
CA GLU B 59 -1.27 -7.46 -5.44
C GLU B 59 -0.01 -6.67 -5.08
N ASP B 60 1.06 -6.84 -5.86
CA ASP B 60 2.30 -6.09 -5.66
C ASP B 60 2.87 -5.58 -6.98
N LYS B 61 2.04 -5.59 -8.03
CA LYS B 61 2.46 -5.26 -9.38
C LYS B 61 2.16 -3.80 -9.68
N ASN B 62 3.20 -3.07 -10.09
CA ASN B 62 3.08 -1.66 -10.46
C ASN B 62 2.30 -1.51 -11.76
N ILE B 63 1.20 -0.76 -11.70
CA ILE B 63 0.39 -0.48 -12.89
C ILE B 63 0.67 0.93 -13.40
N ILE B 64 0.46 1.91 -12.52
CA ILE B 64 0.69 3.31 -12.84
C ILE B 64 1.55 3.97 -11.77
N GLN B 65 2.41 4.89 -12.21
CA GLN B 65 3.16 5.76 -11.30
C GLN B 65 3.18 7.17 -11.89
N PHE B 66 2.20 7.99 -11.49
CA PHE B 66 2.07 9.36 -11.95
C PHE B 66 2.69 10.31 -10.92
N VAL B 67 3.73 11.04 -11.35
CA VAL B 67 4.48 11.93 -10.48
C VAL B 67 5.07 13.05 -11.31
N HIS B 68 5.08 14.28 -10.76
CA HIS B 68 5.52 15.46 -11.47
C HIS B 68 4.77 15.57 -12.79
N GLY B 69 3.44 15.36 -12.74
CA GLY B 69 2.57 15.51 -13.89
C GLY B 69 2.91 14.63 -15.10
N GLU B 70 3.45 13.43 -14.84
CA GLU B 70 3.85 12.52 -15.90
C GLU B 70 3.92 11.07 -15.40
N GLU B 71 3.46 10.14 -16.25
CA GLU B 71 3.54 8.72 -15.94
C GLU B 71 4.97 8.22 -16.09
N ASP B 72 5.30 7.14 -15.37
CA ASP B 72 6.62 6.53 -15.44
C ASP B 72 6.46 5.05 -15.76
N LEU B 73 6.55 4.72 -17.07
CA LEU B 73 6.34 3.37 -17.55
C LEU B 73 7.55 2.46 -17.37
N LYS B 74 8.67 3.04 -16.90
CA LYS B 74 9.89 2.27 -16.66
C LYS B 74 9.71 1.26 -15.54
N VAL B 75 8.92 1.62 -14.52
CA VAL B 75 8.69 0.80 -13.36
C VAL B 75 7.45 -0.08 -13.48
N GLN B 76 6.69 0.11 -14.57
CA GLN B 76 5.43 -0.59 -14.78
C GLN B 76 5.65 -2.08 -15.06
N HIS B 77 4.82 -2.91 -14.42
CA HIS B 77 4.87 -4.36 -14.58
C HIS B 77 4.47 -4.71 -16.01
N SER B 78 5.16 -5.73 -16.57
CA SER B 78 5.03 -6.07 -17.98
C SER B 78 3.63 -6.50 -18.41
N SER B 79 2.88 -7.14 -17.52
CA SER B 79 1.53 -7.60 -17.83
C SER B 79 0.55 -6.45 -18.09
N TYR B 80 0.88 -5.26 -17.59
CA TYR B 80 0.07 -4.07 -17.77
C TYR B 80 0.66 -3.10 -18.80
N ARG B 81 1.51 -3.61 -19.69
CA ARG B 81 2.18 -2.79 -20.67
C ARG B 81 1.29 -2.57 -21.90
N GLN B 82 1.11 -1.30 -22.28
CA GLN B 82 0.31 -0.89 -23.42
C GLN B 82 -1.20 -1.09 -23.24
N ARG B 83 -1.61 -1.54 -22.04
CA ARG B 83 -3.01 -1.79 -21.76
C ARG B 83 -3.46 -1.26 -20.39
N ALA B 84 -2.72 -0.28 -19.87
CA ALA B 84 -3.04 0.36 -18.61
C ALA B 84 -2.71 1.84 -18.71
N ARG B 85 -3.69 2.69 -18.39
CA ARG B 85 -3.52 4.12 -18.53
C ARG B 85 -4.34 4.89 -17.50
N LEU B 86 -3.76 6.00 -17.02
CA LEU B 86 -4.43 6.91 -16.11
C LEU B 86 -5.16 7.96 -16.92
N LEU B 87 -6.45 8.16 -16.62
CA LEU B 87 -7.25 9.18 -17.28
C LEU B 87 -6.95 10.54 -16.66
N LYS B 88 -6.13 11.33 -17.36
CA LYS B 88 -5.64 12.59 -16.84
C LYS B 88 -6.67 13.70 -16.91
N ASP B 89 -7.68 13.54 -17.77
CA ASP B 89 -8.81 14.45 -17.85
C ASP B 89 -9.55 14.57 -16.52
N GLN B 90 -9.71 13.43 -15.84
CA GLN B 90 -10.50 13.36 -14.62
C GLN B 90 -9.75 13.80 -13.37
N LEU B 91 -8.41 13.92 -13.47
CA LEU B 91 -7.57 14.31 -12.35
C LEU B 91 -7.94 15.68 -11.78
N SER B 92 -8.35 16.60 -12.65
CA SER B 92 -8.82 17.92 -12.23
C SER B 92 -10.06 17.83 -11.34
N LEU B 93 -10.93 16.84 -11.64
CA LEU B 93 -12.12 16.58 -10.86
C LEU B 93 -11.84 15.71 -9.63
N GLY B 94 -10.55 15.48 -9.34
CA GLY B 94 -10.14 14.66 -8.22
C GLY B 94 -10.45 13.18 -8.40
N ASN B 95 -10.37 12.71 -9.64
CA ASN B 95 -10.66 11.32 -9.95
C ASN B 95 -9.46 10.69 -10.64
N ALA B 96 -8.77 9.80 -9.91
CA ALA B 96 -7.66 9.03 -10.45
C ALA B 96 -8.20 7.74 -11.05
N ALA B 97 -8.66 7.83 -12.31
CA ALA B 97 -9.30 6.72 -12.99
C ALA B 97 -8.27 5.87 -13.73
N LEU B 98 -8.21 4.58 -13.40
CA LEU B 98 -7.35 3.64 -14.09
C LEU B 98 -8.15 2.83 -15.10
N GLN B 99 -7.80 2.97 -16.38
CA GLN B 99 -8.41 2.17 -17.44
C GLN B 99 -7.49 1.01 -17.76
N ILE B 100 -8.04 -0.21 -17.72
CA ILE B 100 -7.37 -1.41 -18.20
C ILE B 100 -8.14 -1.91 -19.42
N THR B 101 -7.42 -2.07 -20.54
CA THR B 101 -8.02 -2.57 -21.78
C THR B 101 -7.72 -4.06 -21.95
N ASP B 102 -8.67 -4.76 -22.57
CA ASP B 102 -8.56 -6.19 -22.86
C ASP B 102 -8.31 -6.97 -21.57
N VAL B 103 -9.31 -6.95 -20.68
CA VAL B 103 -9.20 -7.59 -19.38
C VAL B 103 -8.98 -9.09 -19.54
N LYS B 104 -8.01 -9.60 -18.77
CA LYS B 104 -7.71 -11.03 -18.71
C LYS B 104 -8.05 -11.53 -17.31
N LEU B 105 -8.03 -12.85 -17.15
CA LEU B 105 -8.25 -13.47 -15.85
C LEU B 105 -7.17 -13.11 -14.84
N GLN B 106 -5.95 -12.86 -15.34
CA GLN B 106 -4.84 -12.40 -14.51
C GLN B 106 -5.10 -11.04 -13.85
N ASP B 107 -6.05 -10.27 -14.40
CA ASP B 107 -6.38 -8.97 -13.86
C ASP B 107 -7.31 -9.03 -12.65
N ALA B 108 -7.92 -10.20 -12.40
CA ALA B 108 -8.74 -10.41 -11.23
C ALA B 108 -7.86 -10.35 -9.97
N GLY B 109 -8.25 -9.53 -9.01
CA GLY B 109 -7.49 -9.38 -7.77
C GLY B 109 -7.83 -8.10 -7.02
N VAL B 110 -7.03 -7.82 -5.98
CA VAL B 110 -7.20 -6.62 -5.16
C VAL B 110 -6.27 -5.53 -5.68
N TYR B 111 -6.88 -4.42 -6.12
CA TYR B 111 -6.12 -3.26 -6.57
C TYR B 111 -5.97 -2.26 -5.43
N ARG B 112 -4.93 -1.44 -5.52
CA ARG B 112 -4.69 -0.36 -4.59
C ARG B 112 -4.38 0.90 -5.38
N CYS B 113 -5.16 1.97 -5.14
CA CYS B 113 -4.78 3.28 -5.63
C CYS B 113 -4.24 4.08 -4.46
N MET B 114 -2.93 4.34 -4.48
CA MET B 114 -2.26 5.13 -3.47
C MET B 114 -2.07 6.52 -4.03
N ILE B 115 -2.58 7.53 -3.31
CA ILE B 115 -2.50 8.91 -3.75
C ILE B 115 -1.85 9.78 -2.67
N SER B 116 -0.91 10.62 -3.11
CA SER B 116 -0.33 11.67 -2.27
C SER B 116 -0.65 13.02 -2.89
N TYR B 117 -1.28 13.89 -2.09
CA TYR B 117 -1.71 15.20 -2.54
C TYR B 117 -1.88 16.08 -1.31
N GLY B 118 -0.75 16.56 -0.79
CA GLY B 118 -0.68 17.13 0.54
C GLY B 118 -0.63 15.99 1.57
N GLY B 119 -1.81 15.46 1.92
CA GLY B 119 -1.90 14.25 2.70
C GLY B 119 -1.62 13.02 1.85
N ALA B 120 -1.91 11.84 2.41
CA ALA B 120 -1.75 10.58 1.69
C ALA B 120 -2.73 9.55 2.23
N ASP B 121 -3.22 8.70 1.33
CA ASP B 121 -4.13 7.62 1.68
C ASP B 121 -4.14 6.62 0.52
N TYR B 122 -4.81 5.49 0.73
CA TYR B 122 -5.08 4.57 -0.36
C TYR B 122 -6.39 3.84 -0.10
N LYS B 123 -6.93 3.21 -1.16
CA LYS B 123 -8.10 2.36 -1.06
C LYS B 123 -7.87 1.07 -1.83
N ARG B 124 -8.54 0.01 -1.38
CA ARG B 124 -8.51 -1.29 -2.03
C ARG B 124 -9.73 -1.41 -2.93
N ILE B 125 -9.55 -2.06 -4.09
CA ILE B 125 -10.65 -2.36 -4.98
C ILE B 125 -10.50 -3.80 -5.46
N THR B 126 -11.56 -4.59 -5.27
CA THR B 126 -11.59 -5.98 -5.70
C THR B 126 -12.16 -6.05 -7.11
N VAL B 127 -11.48 -6.79 -7.98
CA VAL B 127 -11.93 -6.99 -9.34
C VAL B 127 -12.11 -8.49 -9.59
N LYS B 128 -13.32 -8.88 -10.00
CA LYS B 128 -13.61 -10.23 -10.43
C LYS B 128 -13.77 -10.23 -11.94
N VAL B 129 -13.24 -11.28 -12.59
CA VAL B 129 -13.33 -11.42 -14.03
C VAL B 129 -14.11 -12.68 -14.40
N ASN B 130 -15.25 -12.50 -15.07
CA ASN B 130 -15.99 -13.60 -15.67
C ASN B 130 -15.38 -13.94 -17.04
N ALA B 131 -15.10 -15.23 -17.25
CA ALA B 131 -14.52 -15.69 -18.50
C ALA B 131 -15.21 -16.97 -18.96
N PRO B 132 -15.46 -17.14 -20.28
CA PRO B 132 -15.94 -18.43 -20.81
C PRO B 132 -14.93 -19.55 -20.63
N TYR B 133 -15.38 -20.78 -20.86
CA TYR B 133 -14.54 -21.97 -20.70
C TYR B 133 -13.17 -21.82 -21.36
N ALA B 134 -13.18 -21.44 -22.64
CA ALA B 134 -11.96 -21.39 -23.43
C ALA B 134 -10.88 -20.54 -22.76
N ALA B 135 -11.25 -19.31 -22.38
CA ALA B 135 -10.33 -18.41 -21.70
C ALA B 135 -9.85 -18.97 -20.36
N ALA B 136 -10.79 -19.57 -19.61
CA ALA B 136 -10.47 -20.16 -18.32
C ALA B 136 -9.53 -21.36 -18.47
N LEU B 137 -9.81 -22.22 -19.46
CA LEU B 137 -8.98 -23.39 -19.74
C LEU B 137 -7.52 -23.00 -19.97
N GLU B 138 -7.32 -21.93 -20.77
CA GLU B 138 -5.99 -21.45 -21.08
C GLU B 138 -5.28 -20.90 -19.83
N HIS B 139 -6.03 -20.17 -19.00
CA HIS B 139 -5.50 -19.63 -17.75
C HIS B 139 -5.21 -20.75 -16.76
N HIS B 140 -6.09 -21.78 -16.76
CA HIS B 140 -5.93 -22.94 -15.89
C HIS B 140 -4.59 -23.61 -16.15
N HIS B 141 -4.29 -23.84 -17.44
CA HIS B 141 -3.02 -24.42 -17.85
C HIS B 141 -2.03 -23.30 -18.16
N HIS B 142 -1.51 -22.67 -17.10
CA HIS B 142 -0.57 -21.58 -17.22
C HIS B 142 0.12 -21.36 -15.87
#